data_9NT6
#
_entry.id   9NT6
#
_cell.length_a   36.467
_cell.length_b   108.336
_cell.length_c   119.601
_cell.angle_alpha   90.00
_cell.angle_beta   90.00
_cell.angle_gamma   90.00
#
_symmetry.space_group_name_H-M   'P 21 21 21'
#
loop_
_entity.id
_entity.type
_entity.pdbx_description
1 polymer 'LacI Transcription Factor'
2 non-polymer 'methyl beta-D-galactopyranoside'
3 non-polymer 1,2-ETHANEDIOL
4 water water
#
_entity_poly.entity_id   1
_entity_poly.type   'polypeptide(L)'
_entity_poly.pdbx_seq_one_letter_code
;MKQSHTIGLATTNLALHAPSQIVAAIKSRASQMGFNVVISMVEQGVEACKAAVNSLLAQRVDGLIINVPLENEDAQAVAQ
ACGNVPVLFLDVSPAPVNSVLFDPHEGARLGVEHLVALGHQRIALLTGPLTSVSARLRFEGWRQTLAQHQLQPIAVLHGD
WSALSGYQQTMQMLNEGLPTALLVANDQMALGALRALSESGLRVPAQVSVVGYDDTEDSACFIPPLTTIKQDFRLLGQTS
VNRLVQLLQNPSAQSPQLLPVTLVKRKTTAPPENLYFQGLE
;
_entity_poly.pdbx_strand_id   A,B
#
loop_
_chem_comp.id
_chem_comp.type
_chem_comp.name
_chem_comp.formula
EDO non-polymer 1,2-ETHANEDIOL 'C2 H6 O2'
MBG D-saccharide 'methyl beta-D-galactopyranoside' 'C7 H14 O6'
#
# COMPACT_ATOMS: atom_id res chain seq x y z
N SER A 4 -10.69 -22.90 -14.02
CA SER A 4 -11.67 -23.04 -15.09
C SER A 4 -11.95 -21.70 -15.81
N HIS A 5 -11.89 -20.57 -15.08
CA HIS A 5 -11.89 -19.25 -15.71
C HIS A 5 -10.88 -18.38 -14.99
N THR A 6 -10.21 -17.50 -15.73
CA THR A 6 -9.20 -16.61 -15.18
C THR A 6 -9.39 -15.22 -15.76
N ILE A 7 -9.35 -14.20 -14.89
CA ILE A 7 -9.37 -12.79 -15.26
C ILE A 7 -7.94 -12.27 -15.24
N GLY A 8 -7.55 -11.52 -16.27
CA GLY A 8 -6.26 -10.84 -16.29
C GLY A 8 -6.47 -9.40 -15.88
N LEU A 9 -5.65 -8.92 -14.95
CA LEU A 9 -5.74 -7.55 -14.45
C LEU A 9 -4.42 -6.85 -14.74
N ALA A 10 -4.45 -5.79 -15.55
CA ALA A 10 -3.28 -4.93 -15.75
C ALA A 10 -3.42 -3.75 -14.80
N THR A 11 -2.36 -3.46 -14.04
CA THR A 11 -2.44 -2.41 -13.03
C THR A 11 -1.19 -1.55 -13.04
N THR A 12 -1.36 -0.27 -12.68
CA THR A 12 -0.21 0.59 -12.46
C THR A 12 0.45 0.24 -11.12
N ASN A 13 1.58 0.89 -10.85
CA ASN A 13 2.43 0.69 -9.68
C ASN A 13 1.68 0.31 -8.42
N LEU A 14 1.86 -0.92 -7.93
CA LEU A 14 1.14 -1.39 -6.74
C LEU A 14 1.66 -0.77 -5.47
N ALA A 15 2.79 -0.08 -5.52
CA ALA A 15 3.28 0.65 -4.35
C ALA A 15 2.43 1.85 -4.01
N LEU A 16 1.52 2.26 -4.90
CA LEU A 16 0.50 3.23 -4.51
C LEU A 16 -0.69 2.48 -3.94
N HIS A 17 -1.29 3.06 -2.90
CA HIS A 17 -2.22 2.31 -2.08
C HIS A 17 -3.55 2.07 -2.76
N ALA A 18 -4.05 3.05 -3.53
CA ALA A 18 -5.36 2.87 -4.17
C ALA A 18 -5.32 1.72 -5.18
N PRO A 19 -4.35 1.61 -6.09
CA PRO A 19 -4.37 0.45 -6.99
C PRO A 19 -4.25 -0.88 -6.26
N SER A 20 -3.49 -0.92 -5.17
CA SER A 20 -3.39 -2.15 -4.39
C SER A 20 -4.74 -2.53 -3.77
N GLN A 21 -5.49 -1.56 -3.25
CA GLN A 21 -6.81 -1.88 -2.73
C GLN A 21 -7.75 -2.33 -3.84
N ILE A 22 -7.59 -1.77 -5.04
CA ILE A 22 -8.43 -2.17 -6.16
C ILE A 22 -8.12 -3.61 -6.56
N VAL A 23 -6.84 -3.99 -6.64
CA VAL A 23 -6.48 -5.38 -6.92
C VAL A 23 -7.12 -6.30 -5.88
N ALA A 24 -7.00 -5.95 -4.60
CA ALA A 24 -7.58 -6.81 -3.57
C ALA A 24 -9.09 -6.97 -3.73
N ALA A 25 -9.78 -5.88 -4.13
CA ALA A 25 -11.24 -5.92 -4.23
C ALA A 25 -11.67 -6.75 -5.44
N ILE A 26 -10.90 -6.68 -6.52
CA ILE A 26 -11.19 -7.49 -7.70
C ILE A 26 -10.96 -8.96 -7.41
N LYS A 27 -9.84 -9.28 -6.75
CA LYS A 27 -9.59 -10.67 -6.37
C LYS A 27 -10.69 -11.22 -5.47
N SER A 28 -11.18 -10.41 -4.52
CA SER A 28 -12.23 -10.90 -3.62
C SER A 28 -13.49 -11.30 -4.39
N ARG A 29 -13.97 -10.42 -5.29
CA ARG A 29 -15.20 -10.73 -6.00
C ARG A 29 -14.96 -11.88 -6.97
N ALA A 30 -13.80 -11.89 -7.61
CA ALA A 30 -13.51 -12.96 -8.55
C ALA A 30 -13.50 -14.31 -7.87
N SER A 31 -12.87 -14.38 -6.70
CA SER A 31 -12.86 -15.64 -5.95
C SER A 31 -14.28 -16.07 -5.56
N GLN A 32 -15.12 -15.13 -5.15
CA GLN A 32 -16.48 -15.50 -4.76
C GLN A 32 -17.26 -16.08 -5.92
N MET A 33 -16.93 -15.68 -7.15
N MET A 33 -16.90 -15.68 -7.14
CA MET A 33 -17.62 -16.21 -8.30
CA MET A 33 -17.55 -16.14 -8.37
C MET A 33 -17.03 -17.53 -8.78
C MET A 33 -16.76 -17.26 -9.05
N GLY A 34 -15.84 -17.87 -8.32
CA GLY A 34 -15.13 -19.04 -8.81
C GLY A 34 -14.06 -18.77 -9.85
N PHE A 35 -13.50 -17.56 -9.93
N PHE A 35 -13.57 -17.54 -9.92
CA PHE A 35 -12.55 -17.22 -10.97
CA PHE A 35 -12.51 -17.11 -10.83
C PHE A 35 -11.21 -16.85 -10.35
C PHE A 35 -11.14 -17.28 -10.17
N ASN A 36 -10.12 -17.24 -11.02
CA ASN A 36 -8.76 -16.88 -10.65
C ASN A 36 -8.45 -15.51 -11.24
N VAL A 37 -7.49 -14.81 -10.65
CA VAL A 37 -7.03 -13.52 -11.18
C VAL A 37 -5.52 -13.59 -11.35
N VAL A 38 -5.02 -13.20 -12.52
N VAL A 38 -5.05 -13.15 -12.53
CA VAL A 38 -3.58 -13.04 -12.70
CA VAL A 38 -3.64 -13.02 -12.86
C VAL A 38 -3.29 -11.60 -13.05
C VAL A 38 -3.35 -11.53 -13.03
N ILE A 39 -2.25 -11.05 -12.44
CA ILE A 39 -1.99 -9.61 -12.41
C ILE A 39 -0.68 -9.31 -13.13
N SER A 40 -0.66 -8.25 -13.94
CA SER A 40 0.53 -7.74 -14.59
C SER A 40 0.67 -6.26 -14.23
N MET A 41 1.83 -5.88 -13.69
CA MET A 41 2.12 -4.49 -13.32
C MET A 41 2.76 -3.74 -14.47
N VAL A 42 2.29 -2.52 -14.72
CA VAL A 42 2.61 -1.73 -15.90
C VAL A 42 3.23 -0.40 -15.49
N GLU A 43 4.26 0.03 -16.21
CA GLU A 43 4.69 1.43 -16.18
C GLU A 43 3.80 2.26 -17.10
N GLN A 44 4.08 3.55 -17.21
CA GLN A 44 3.19 4.43 -17.94
C GLN A 44 3.35 4.25 -19.45
N GLY A 45 2.28 4.49 -20.18
CA GLY A 45 2.38 4.54 -21.62
C GLY A 45 1.66 3.40 -22.31
N VAL A 46 1.25 3.64 -23.55
CA VAL A 46 0.44 2.64 -24.27
C VAL A 46 1.29 1.42 -24.60
N GLU A 47 2.58 1.59 -24.91
CA GLU A 47 3.41 0.42 -25.21
C GLU A 47 3.51 -0.52 -24.02
N ALA A 48 3.71 0.04 -22.83
CA ALA A 48 3.81 -0.80 -21.65
C ALA A 48 2.49 -1.51 -21.37
N CYS A 49 1.38 -0.83 -21.64
N CYS A 49 1.38 -0.82 -21.61
CA CYS A 49 0.09 -1.48 -21.41
CA CYS A 49 0.07 -1.44 -21.47
C CYS A 49 -0.17 -2.57 -22.44
C CYS A 49 -0.08 -2.60 -22.44
N LYS A 50 0.24 -2.35 -23.70
CA LYS A 50 0.12 -3.39 -24.72
C LYS A 50 0.94 -4.61 -24.33
N ALA A 51 2.16 -4.40 -23.82
CA ALA A 51 2.99 -5.51 -23.39
C ALA A 51 2.33 -6.30 -22.26
N ALA A 52 1.69 -5.61 -21.31
CA ALA A 52 0.99 -6.31 -20.25
C ALA A 52 -0.18 -7.12 -20.81
N VAL A 53 -0.94 -6.53 -21.72
CA VAL A 53 -2.05 -7.25 -22.34
C VAL A 53 -1.56 -8.51 -23.04
N ASN A 54 -0.42 -8.40 -23.75
CA ASN A 54 0.12 -9.57 -24.42
C ASN A 54 0.58 -10.63 -23.43
N SER A 55 1.17 -10.20 -22.30
CA SER A 55 1.54 -11.17 -21.27
C SER A 55 0.31 -11.88 -20.73
N LEU A 56 -0.77 -11.13 -20.47
CA LEU A 56 -1.97 -11.74 -19.92
C LEU A 56 -2.67 -12.66 -20.92
N LEU A 57 -2.68 -12.28 -22.21
CA LEU A 57 -3.23 -13.18 -23.21
C LEU A 57 -2.43 -14.46 -23.31
N ALA A 58 -1.11 -14.39 -23.09
CA ALA A 58 -0.30 -15.60 -23.07
C ALA A 58 -0.61 -16.50 -21.88
N GLN A 59 -1.22 -15.97 -20.84
CA GLN A 59 -1.76 -16.79 -19.76
C GLN A 59 -3.15 -17.35 -20.08
N ARG A 60 -3.66 -17.11 -21.30
CA ARG A 60 -4.92 -17.66 -21.77
C ARG A 60 -6.11 -17.17 -20.93
N VAL A 61 -6.10 -15.89 -20.54
CA VAL A 61 -7.18 -15.39 -19.67
C VAL A 61 -8.49 -15.27 -20.46
N ASP A 62 -9.60 -15.33 -19.71
CA ASP A 62 -10.93 -15.25 -20.31
C ASP A 62 -11.36 -13.80 -20.57
N GLY A 63 -10.87 -12.85 -19.77
CA GLY A 63 -11.30 -11.47 -19.86
C GLY A 63 -10.25 -10.60 -19.20
N LEU A 64 -10.29 -9.30 -19.50
CA LEU A 64 -9.28 -8.34 -19.02
C LEU A 64 -9.90 -7.14 -18.31
N ILE A 65 -9.27 -6.72 -17.22
CA ILE A 65 -9.58 -5.45 -16.56
C ILE A 65 -8.30 -4.63 -16.55
N ILE A 66 -8.37 -3.38 -17.02
CA ILE A 66 -7.21 -2.50 -17.15
C ILE A 66 -7.36 -1.37 -16.14
N ASN A 67 -6.56 -1.38 -15.08
CA ASN A 67 -6.50 -0.22 -14.18
C ASN A 67 -5.21 0.55 -14.41
N VAL A 68 -5.16 1.29 -15.51
CA VAL A 68 -4.02 2.09 -15.94
C VAL A 68 -4.57 3.39 -16.49
N PRO A 69 -4.08 4.57 -16.09
CA PRO A 69 -4.68 5.83 -16.62
C PRO A 69 -4.31 6.03 -18.08
N LEU A 70 -5.33 6.13 -18.93
CA LEU A 70 -5.12 6.20 -20.38
C LEU A 70 -6.03 7.27 -20.97
N GLU A 71 -5.50 8.05 -21.91
CA GLU A 71 -6.39 8.79 -22.79
C GLU A 71 -7.13 7.80 -23.68
N ASN A 72 -8.35 8.19 -24.10
CA ASN A 72 -9.21 7.23 -24.78
C ASN A 72 -8.58 6.74 -26.09
N GLU A 73 -7.75 7.57 -26.73
CA GLU A 73 -7.07 7.14 -27.95
C GLU A 73 -6.12 5.99 -27.66
N ASP A 74 -5.36 6.08 -26.56
CA ASP A 74 -4.54 4.95 -26.14
C ASP A 74 -5.39 3.80 -25.64
N ALA A 75 -6.51 4.07 -24.97
CA ALA A 75 -7.40 2.99 -24.57
C ALA A 75 -7.91 2.24 -25.80
N GLN A 76 -8.20 2.97 -26.89
CA GLN A 76 -8.61 2.31 -28.12
C GLN A 76 -7.51 1.39 -28.64
N ALA A 77 -6.25 1.84 -28.55
CA ALA A 77 -5.16 1.00 -29.03
C ALA A 77 -4.96 -0.22 -28.12
N VAL A 78 -5.17 -0.05 -26.81
CA VAL A 78 -5.11 -1.19 -25.91
C VAL A 78 -6.25 -2.15 -26.19
N ALA A 79 -7.46 -1.62 -26.39
CA ALA A 79 -8.59 -2.49 -26.73
C ALA A 79 -8.32 -3.26 -28.02
N GLN A 80 -7.69 -2.61 -28.99
CA GLN A 80 -7.34 -3.28 -30.23
C GLN A 80 -6.41 -4.46 -29.97
N ALA A 81 -5.48 -4.30 -29.03
CA ALA A 81 -4.54 -5.38 -28.74
C ALA A 81 -5.20 -6.56 -28.00
N CYS A 82 -6.37 -6.35 -27.38
CA CYS A 82 -7.09 -7.44 -26.73
C CYS A 82 -7.85 -8.33 -27.72
N GLY A 83 -8.14 -7.83 -28.92
CA GLY A 83 -8.79 -8.65 -29.92
C GLY A 83 -10.20 -9.07 -29.55
N ASN A 84 -10.40 -10.38 -29.48
N ASN A 84 -10.44 -10.37 -29.49
CA ASN A 84 -11.71 -10.97 -29.19
CA ASN A 84 -11.77 -10.87 -29.17
C ASN A 84 -11.96 -11.16 -27.70
C ASN A 84 -12.01 -10.96 -27.68
N VAL A 85 -10.97 -10.88 -26.86
CA VAL A 85 -11.11 -11.08 -25.42
C VAL A 85 -11.76 -9.84 -24.81
N PRO A 86 -12.85 -9.98 -24.06
CA PRO A 86 -13.54 -8.80 -23.52
C PRO A 86 -12.63 -8.03 -22.57
N VAL A 87 -12.73 -6.70 -22.59
CA VAL A 87 -11.86 -5.84 -21.80
C VAL A 87 -12.67 -4.69 -21.20
N LEU A 88 -12.34 -4.35 -19.96
CA LEU A 88 -13.01 -3.30 -19.18
C LEU A 88 -11.94 -2.34 -18.69
N PHE A 89 -12.17 -1.03 -18.82
CA PHE A 89 -11.22 -0.02 -18.35
C PHE A 89 -11.73 0.68 -17.10
N LEU A 90 -10.82 0.96 -16.15
CA LEU A 90 -11.19 1.61 -14.90
C LEU A 90 -10.68 3.04 -14.77
N ASP A 91 -9.94 3.55 -15.75
CA ASP A 91 -9.31 4.87 -15.60
C ASP A 91 -9.02 5.53 -16.95
N VAL A 92 -10.06 5.91 -17.68
CA VAL A 92 -9.93 6.40 -19.06
C VAL A 92 -10.81 7.62 -19.24
N SER A 93 -10.34 8.62 -20.00
CA SER A 93 -11.21 9.74 -20.37
C SER A 93 -11.03 10.03 -21.85
N PRO A 94 -12.12 10.22 -22.61
CA PRO A 94 -13.53 10.06 -22.21
C PRO A 94 -13.82 8.64 -21.77
N ALA A 95 -14.74 8.42 -20.84
CA ALA A 95 -15.02 7.07 -20.37
C ALA A 95 -15.60 6.26 -21.51
N PRO A 96 -14.97 5.17 -21.93
CA PRO A 96 -15.48 4.41 -23.05
C PRO A 96 -16.64 3.49 -22.65
N VAL A 97 -17.30 2.96 -23.66
CA VAL A 97 -18.34 1.96 -23.43
C VAL A 97 -17.79 0.79 -22.64
N ASN A 98 -18.61 0.25 -21.75
CA ASN A 98 -18.31 -0.92 -20.93
C ASN A 98 -17.54 -0.57 -19.65
N SER A 99 -16.72 0.49 -19.68
CA SER A 99 -15.91 0.90 -18.53
C SER A 99 -16.71 1.04 -17.23
N VAL A 100 -16.00 0.93 -16.10
CA VAL A 100 -16.55 1.14 -14.77
C VAL A 100 -15.57 2.06 -14.06
N LEU A 101 -16.05 3.25 -13.70
N LEU A 101 -16.05 3.22 -13.61
CA LEU A 101 -15.18 4.30 -13.17
CA LEU A 101 -15.11 4.16 -13.05
C LEU A 101 -15.86 4.98 -11.99
C LEU A 101 -15.83 5.07 -12.08
N PHE A 102 -15.05 5.61 -11.15
CA PHE A 102 -15.58 6.59 -10.22
C PHE A 102 -15.85 7.87 -10.98
N ASP A 103 -16.93 8.53 -10.64
CA ASP A 103 -17.25 9.81 -11.22
C ASP A 103 -16.02 10.71 -11.12
N PRO A 104 -15.48 11.19 -12.24
CA PRO A 104 -14.19 11.86 -12.19
C PRO A 104 -14.25 13.30 -11.72
N HIS A 105 -15.43 13.94 -11.71
CA HIS A 105 -15.55 15.33 -11.27
C HIS A 105 -16.32 15.52 -9.97
N GLU A 106 -17.10 14.54 -9.53
N GLU A 106 -17.11 14.54 -9.54
CA GLU A 106 -17.92 14.71 -8.33
CA GLU A 106 -17.92 14.73 -8.33
C GLU A 106 -17.05 14.87 -7.09
C GLU A 106 -17.04 14.88 -7.09
N GLY A 107 -15.96 14.11 -6.99
CA GLY A 107 -15.08 14.26 -5.86
C GLY A 107 -14.47 15.65 -5.75
N ALA A 108 -14.04 16.21 -6.88
CA ALA A 108 -13.49 17.57 -6.88
C ALA A 108 -14.54 18.57 -6.45
N ARG A 109 -15.77 18.41 -6.96
CA ARG A 109 -16.85 19.34 -6.59
C ARG A 109 -17.17 19.23 -5.10
N LEU A 110 -17.23 18.02 -4.56
CA LEU A 110 -17.54 17.87 -3.14
C LEU A 110 -16.50 18.53 -2.27
N GLY A 111 -15.22 18.44 -2.66
CA GLY A 111 -14.16 19.03 -1.84
C GLY A 111 -14.21 20.55 -1.84
N VAL A 112 -14.37 21.15 -3.02
CA VAL A 112 -14.48 22.61 -3.08
C VAL A 112 -15.74 23.07 -2.34
N GLU A 113 -16.86 22.40 -2.58
CA GLU A 113 -18.11 22.82 -1.93
C GLU A 113 -17.99 22.76 -0.41
N HIS A 114 -17.33 21.74 0.13
CA HIS A 114 -17.18 21.62 1.58
C HIS A 114 -16.36 22.78 2.14
N LEU A 115 -15.22 23.09 1.52
CA LEU A 115 -14.37 24.16 2.03
C LEU A 115 -15.05 25.52 1.91
N VAL A 116 -15.78 25.77 0.81
CA VAL A 116 -16.49 27.02 0.65
C VAL A 116 -17.62 27.11 1.68
N ALA A 117 -18.31 25.99 1.94
CA ALA A 117 -19.37 25.99 2.94
C ALA A 117 -18.86 26.37 4.32
N LEU A 118 -17.61 26.02 4.64
CA LEU A 118 -16.96 26.35 5.91
C LEU A 118 -16.47 27.80 5.93
N GLY A 119 -16.50 28.48 4.80
CA GLY A 119 -16.13 29.88 4.74
C GLY A 119 -14.77 30.15 4.12
N HIS A 120 -14.06 29.14 3.61
CA HIS A 120 -12.76 29.38 3.01
C HIS A 120 -12.88 30.11 1.70
N GLN A 121 -11.96 31.04 1.48
CA GLN A 121 -11.82 31.74 0.22
C GLN A 121 -10.43 31.60 -0.37
N ARG A 122 -9.43 31.23 0.44
CA ARG A 122 -8.03 31.16 0.01
C ARG A 122 -7.67 29.68 0.00
N ILE A 123 -7.96 29.03 -1.11
CA ILE A 123 -7.91 27.58 -1.23
C ILE A 123 -6.79 27.22 -2.21
N ALA A 124 -5.86 26.36 -1.76
CA ALA A 124 -4.76 25.92 -2.59
C ALA A 124 -5.05 24.50 -3.06
N LEU A 125 -4.48 24.16 -4.22
CA LEU A 125 -4.66 22.84 -4.85
C LEU A 125 -3.34 22.12 -4.95
N LEU A 126 -3.30 20.84 -4.58
CA LEU A 126 -2.10 20.01 -4.73
C LEU A 126 -2.51 18.85 -5.64
N THR A 127 -2.13 18.96 -6.91
CA THR A 127 -2.60 17.99 -7.90
C THR A 127 -1.75 16.74 -7.89
N GLY A 128 -2.29 15.68 -8.49
CA GLY A 128 -1.44 14.60 -8.93
C GLY A 128 -0.66 14.97 -10.18
N PRO A 129 0.16 14.04 -10.67
CA PRO A 129 0.94 14.33 -11.87
C PRO A 129 0.02 14.50 -13.07
N LEU A 130 0.19 15.61 -13.80
CA LEU A 130 -0.76 15.94 -14.84
C LEU A 130 -0.69 15.00 -16.03
N THR A 131 0.36 14.16 -16.11
CA THR A 131 0.37 13.04 -17.04
C THR A 131 -0.78 12.06 -16.82
N SER A 132 -1.40 12.05 -15.64
CA SER A 132 -2.45 11.09 -15.33
C SER A 132 -3.81 11.72 -15.61
N VAL A 133 -4.65 11.01 -16.37
N VAL A 133 -4.66 11.01 -16.35
CA VAL A 133 -5.99 11.50 -16.67
CA VAL A 133 -5.99 11.55 -16.66
C VAL A 133 -6.75 11.82 -15.38
C VAL A 133 -6.78 11.81 -15.38
N SER A 134 -6.64 10.97 -14.36
CA SER A 134 -7.37 11.23 -13.12
C SER A 134 -6.91 12.51 -12.46
N ALA A 135 -5.60 12.73 -12.40
CA ALA A 135 -5.11 13.96 -11.80
C ALA A 135 -5.61 15.19 -12.56
N ARG A 136 -5.61 15.09 -13.90
CA ARG A 136 -6.05 16.23 -14.72
C ARG A 136 -7.51 16.54 -14.51
N LEU A 137 -8.36 15.49 -14.46
CA LEU A 137 -9.80 15.71 -14.29
C LEU A 137 -10.14 16.26 -12.91
N ARG A 138 -9.42 15.82 -11.87
CA ARG A 138 -9.63 16.40 -10.53
C ARG A 138 -9.22 17.86 -10.49
N PHE A 139 -8.04 18.18 -11.05
CA PHE A 139 -7.61 19.58 -11.20
C PHE A 139 -8.68 20.39 -11.91
N GLU A 140 -9.14 19.93 -13.07
CA GLU A 140 -10.14 20.69 -13.83
C GLU A 140 -11.42 20.85 -13.05
N GLY A 141 -11.83 19.80 -12.32
CA GLY A 141 -13.02 19.91 -11.48
C GLY A 141 -12.87 20.92 -10.37
N TRP A 142 -11.72 20.91 -9.69
CA TRP A 142 -11.48 21.90 -8.65
C TRP A 142 -11.57 23.31 -9.21
N ARG A 143 -10.87 23.57 -10.32
CA ARG A 143 -10.87 24.90 -10.91
C ARG A 143 -12.29 25.32 -11.28
N GLN A 144 -13.06 24.40 -11.85
CA GLN A 144 -14.37 24.80 -12.34
C GLN A 144 -15.34 25.03 -11.18
N THR A 145 -15.25 24.22 -10.12
CA THR A 145 -16.14 24.45 -8.98
C THR A 145 -15.75 25.74 -8.25
N LEU A 146 -14.45 26.01 -8.11
CA LEU A 146 -14.05 27.30 -7.56
C LEU A 146 -14.60 28.46 -8.39
N ALA A 147 -14.60 28.32 -9.72
CA ALA A 147 -15.09 29.38 -10.58
C ALA A 147 -16.59 29.60 -10.41
N GLN A 148 -17.33 28.56 -10.04
CA GLN A 148 -18.75 28.72 -9.75
C GLN A 148 -18.98 29.60 -8.53
N HIS A 149 -17.95 29.78 -7.69
CA HIS A 149 -18.00 30.70 -6.55
C HIS A 149 -17.17 31.94 -6.80
N GLN A 150 -16.79 32.19 -8.04
CA GLN A 150 -16.04 33.39 -8.45
C GLN A 150 -14.68 33.46 -7.75
N LEU A 151 -14.06 32.29 -7.56
CA LEU A 151 -12.77 32.16 -6.92
C LEU A 151 -11.76 31.55 -7.89
N GLN A 152 -10.49 31.94 -7.71
N GLN A 152 -10.50 31.93 -7.70
CA GLN A 152 -9.31 31.27 -8.26
CA GLN A 152 -9.34 31.25 -8.25
C GLN A 152 -8.59 30.54 -7.14
C GLN A 152 -8.59 30.54 -7.14
N PRO A 153 -7.93 29.42 -7.42
CA PRO A 153 -7.03 28.84 -6.41
C PRO A 153 -5.93 29.84 -6.06
N ILE A 154 -5.58 29.90 -4.77
CA ILE A 154 -4.52 30.80 -4.34
C ILE A 154 -3.15 30.25 -4.68
N ALA A 155 -3.04 28.94 -4.89
CA ALA A 155 -1.80 28.32 -5.30
C ALA A 155 -2.17 27.00 -5.96
N VAL A 156 -1.34 26.57 -6.91
CA VAL A 156 -1.51 25.28 -7.57
C VAL A 156 -0.14 24.60 -7.60
N LEU A 157 -0.04 23.47 -6.92
CA LEU A 157 1.19 22.69 -6.78
C LEU A 157 0.95 21.33 -7.43
N HIS A 158 2.02 20.66 -7.85
CA HIS A 158 1.92 19.39 -8.57
C HIS A 158 2.82 18.35 -7.93
N GLY A 159 2.20 17.26 -7.46
CA GLY A 159 2.90 16.17 -6.84
C GLY A 159 2.93 14.93 -7.73
N ASP A 160 3.39 13.82 -7.15
CA ASP A 160 3.59 12.60 -7.93
C ASP A 160 2.86 11.40 -7.34
N TRP A 161 1.88 11.65 -6.46
CA TRP A 161 1.02 10.71 -5.72
C TRP A 161 1.66 10.23 -4.43
N SER A 162 2.96 10.50 -4.18
CA SER A 162 3.62 9.99 -2.98
C SER A 162 3.54 10.96 -1.83
N ALA A 163 3.68 10.42 -0.61
CA ALA A 163 3.67 11.27 0.57
C ALA A 163 4.81 12.30 0.53
N LEU A 164 6.01 11.86 0.15
CA LEU A 164 7.14 12.81 0.13
C LEU A 164 6.85 13.98 -0.80
N SER A 165 6.23 13.74 -1.96
N SER A 165 6.20 13.72 -1.94
CA SER A 165 5.87 14.84 -2.85
CA SER A 165 5.87 14.82 -2.84
C SER A 165 4.86 15.79 -2.20
C SER A 165 4.87 15.77 -2.21
N GLY A 166 3.91 15.24 -1.44
CA GLY A 166 3.00 16.11 -0.68
C GLY A 166 3.73 16.98 0.32
N TYR A 167 4.69 16.40 1.04
CA TYR A 167 5.53 17.19 1.93
C TYR A 167 6.29 18.30 1.17
N GLN A 168 7.00 17.94 0.10
CA GLN A 168 7.84 18.94 -0.57
C GLN A 168 6.98 20.02 -1.21
N GLN A 169 5.87 19.63 -1.85
CA GLN A 169 5.02 20.63 -2.50
C GLN A 169 4.35 21.55 -1.49
N THR A 170 3.98 21.02 -0.33
CA THR A 170 3.39 21.86 0.72
C THR A 170 4.42 22.82 1.29
N MET A 171 5.67 22.35 1.49
CA MET A 171 6.69 23.31 1.91
C MET A 171 6.93 24.40 0.87
N GLN A 172 6.96 24.02 -0.42
CA GLN A 172 7.07 25.01 -1.48
C GLN A 172 5.91 26.00 -1.44
N MET A 173 4.69 25.51 -1.23
CA MET A 173 3.54 26.40 -1.23
C MET A 173 3.62 27.41 -0.08
N LEU A 174 4.13 26.96 1.08
CA LEU A 174 4.24 27.84 2.23
C LEU A 174 5.36 28.85 2.07
N ASN A 175 6.32 28.58 1.19
CA ASN A 175 7.35 29.56 0.90
C ASN A 175 6.82 30.73 0.09
N GLU A 176 5.68 30.55 -0.59
CA GLU A 176 5.13 31.53 -1.51
C GLU A 176 3.87 32.20 -0.99
N GLY A 177 3.19 31.61 0.00
CA GLY A 177 1.93 32.16 0.45
C GLY A 177 1.35 31.34 1.57
N LEU A 178 0.16 31.75 2.01
CA LEU A 178 -0.49 31.11 3.15
C LEU A 178 -1.96 30.92 2.81
N PRO A 179 -2.34 29.73 2.39
CA PRO A 179 -3.76 29.45 2.19
C PRO A 179 -4.41 29.18 3.54
N THR A 180 -5.74 29.19 3.57
CA THR A 180 -6.44 28.68 4.74
C THR A 180 -6.91 27.24 4.55
N ALA A 181 -6.87 26.71 3.32
CA ALA A 181 -7.29 25.33 3.08
C ALA A 181 -6.53 24.79 1.89
N LEU A 182 -6.36 23.46 1.88
CA LEU A 182 -5.62 22.73 0.85
C LEU A 182 -6.46 21.54 0.41
N LEU A 183 -6.73 21.45 -0.89
CA LEU A 183 -7.32 20.27 -1.52
C LEU A 183 -6.19 19.45 -2.10
N VAL A 184 -6.13 18.17 -1.74
CA VAL A 184 -5.03 17.30 -2.15
C VAL A 184 -5.58 16.17 -3.02
N ALA A 185 -4.86 15.79 -4.08
CA ALA A 185 -5.41 14.86 -5.04
C ALA A 185 -5.36 13.41 -4.59
N ASN A 186 -4.64 13.07 -3.51
CA ASN A 186 -4.84 11.76 -2.91
C ASN A 186 -4.44 11.80 -1.45
N ASP A 187 -4.72 10.69 -0.76
CA ASP A 187 -4.47 10.64 0.68
C ASP A 187 -2.98 10.52 0.98
N GLN A 188 -2.21 9.82 0.12
CA GLN A 188 -0.78 9.69 0.41
C GLN A 188 -0.10 11.05 0.39
N MET A 189 -0.39 11.86 -0.64
CA MET A 189 0.15 13.22 -0.65
C MET A 189 -0.37 14.03 0.53
N ALA A 190 -1.63 13.82 0.94
CA ALA A 190 -2.17 14.57 2.09
C ALA A 190 -1.40 14.27 3.37
N LEU A 191 -0.94 13.04 3.55
CA LEU A 191 -0.12 12.69 4.71
C LEU A 191 1.12 13.57 4.75
N GLY A 192 1.80 13.70 3.60
CA GLY A 192 2.97 14.58 3.55
C GLY A 192 2.60 16.02 3.77
N ALA A 193 1.46 16.46 3.25
CA ALA A 193 1.00 17.82 3.51
C ALA A 193 0.79 18.07 5.01
N LEU A 194 0.18 17.10 5.72
CA LEU A 194 -0.01 17.24 7.17
C LEU A 194 1.32 17.39 7.87
N ARG A 195 2.31 16.59 7.48
CA ARG A 195 3.63 16.70 8.11
C ARG A 195 4.24 18.08 7.89
N ALA A 196 4.16 18.59 6.65
CA ALA A 196 4.74 19.91 6.36
C ALA A 196 4.05 21.00 7.17
N LEU A 197 2.72 20.94 7.27
CA LEU A 197 2.02 21.94 8.07
C LEU A 197 2.40 21.85 9.53
N SER A 198 2.44 20.62 10.07
CA SER A 198 2.80 20.43 11.47
C SER A 198 4.19 20.96 11.77
N GLU A 199 5.17 20.61 10.93
CA GLU A 199 6.55 21.01 11.21
C GLU A 199 6.75 22.50 10.98
N SER A 200 5.90 23.13 10.18
CA SER A 200 5.89 24.57 10.01
C SER A 200 5.13 25.30 11.11
N GLY A 201 4.51 24.58 12.04
CA GLY A 201 3.78 25.24 13.12
C GLY A 201 2.41 25.74 12.75
N LEU A 202 1.84 25.27 11.65
CA LEU A 202 0.48 25.61 11.25
C LEU A 202 -0.46 24.51 11.73
N ARG A 203 -1.33 24.85 12.68
CA ARG A 203 -2.23 23.85 13.25
C ARG A 203 -3.32 23.44 12.26
N VAL A 204 -3.57 22.15 12.16
CA VAL A 204 -4.62 21.56 11.34
C VAL A 204 -5.68 20.99 12.26
N PRO A 205 -6.95 21.40 12.15
CA PRO A 205 -7.52 22.31 11.15
C PRO A 205 -7.66 23.75 11.60
N ALA A 206 -7.19 24.15 12.79
CA ALA A 206 -7.51 25.49 13.28
C ALA A 206 -6.96 26.59 12.37
N GLN A 207 -5.79 26.38 11.76
CA GLN A 207 -5.16 27.37 10.89
C GLN A 207 -5.20 27.00 9.42
N VAL A 208 -5.08 25.71 9.09
CA VAL A 208 -5.19 25.25 7.71
C VAL A 208 -6.03 23.99 7.69
N SER A 209 -7.06 23.96 6.84
CA SER A 209 -7.86 22.77 6.61
C SER A 209 -7.26 21.99 5.46
N VAL A 210 -7.38 20.65 5.52
CA VAL A 210 -6.83 19.75 4.50
C VAL A 210 -7.89 18.72 4.12
N VAL A 211 -8.10 18.49 2.82
CA VAL A 211 -8.98 17.44 2.32
C VAL A 211 -8.19 16.54 1.38
N GLY A 212 -8.24 15.22 1.62
CA GLY A 212 -7.58 14.26 0.76
C GLY A 212 -8.51 13.69 -0.29
N TYR A 213 -8.08 12.57 -0.87
CA TYR A 213 -8.86 11.91 -1.92
C TYR A 213 -8.48 10.44 -1.93
N ASP A 214 -9.48 9.56 -1.79
CA ASP A 214 -9.44 8.09 -1.91
C ASP A 214 -10.11 7.45 -0.71
N ASP A 215 -9.79 7.94 0.48
CA ASP A 215 -10.00 7.21 1.73
C ASP A 215 -9.36 5.82 1.65
N THR A 216 -8.06 5.83 1.37
CA THR A 216 -7.31 4.59 1.50
C THR A 216 -7.20 4.23 2.99
N GLU A 217 -6.89 2.97 3.25
CA GLU A 217 -7.17 2.36 4.56
C GLU A 217 -6.49 3.10 5.73
N ASP A 218 -5.24 3.54 5.56
CA ASP A 218 -4.53 4.19 6.66
C ASP A 218 -5.13 5.53 7.09
N SER A 219 -5.93 6.21 6.23
CA SER A 219 -6.21 7.64 6.40
C SER A 219 -6.99 7.96 7.67
N ALA A 220 -7.82 7.03 8.12
CA ALA A 220 -8.52 7.23 9.39
C ALA A 220 -7.57 7.26 10.59
N CYS A 221 -6.32 6.88 10.41
CA CYS A 221 -5.35 6.90 11.50
C CYS A 221 -4.23 7.92 11.29
N PHE A 222 -4.37 8.84 10.33
CA PHE A 222 -3.48 9.99 10.30
C PHE A 222 -3.72 10.86 11.53
N ILE A 223 -2.78 11.78 11.78
CA ILE A 223 -2.91 12.80 12.82
C ILE A 223 -3.06 14.16 12.15
N PRO A 224 -4.25 14.79 12.19
CA PRO A 224 -5.54 14.24 12.64
C PRO A 224 -6.12 13.29 11.59
N PRO A 225 -7.10 12.47 11.99
CA PRO A 225 -7.78 11.62 11.00
C PRO A 225 -8.30 12.45 9.84
N LEU A 226 -8.12 11.94 8.62
CA LEU A 226 -8.17 12.79 7.42
C LEU A 226 -9.58 12.86 6.85
N THR A 227 -10.11 14.08 6.70
CA THR A 227 -11.30 14.32 5.89
C THR A 227 -10.91 14.14 4.42
N THR A 228 -11.73 13.41 3.67
CA THR A 228 -11.29 12.96 2.35
C THR A 228 -12.49 12.57 1.51
N ILE A 229 -12.26 12.49 0.21
CA ILE A 229 -13.25 11.93 -0.72
C ILE A 229 -13.09 10.42 -0.77
N LYS A 230 -14.14 9.69 -0.40
CA LYS A 230 -14.06 8.23 -0.41
C LYS A 230 -14.40 7.71 -1.79
N GLN A 231 -13.48 6.94 -2.35
CA GLN A 231 -13.73 6.08 -3.51
C GLN A 231 -13.88 4.67 -2.97
N ASP A 232 -15.07 4.09 -3.10
CA ASP A 232 -15.31 2.75 -2.54
C ASP A 232 -14.67 1.71 -3.46
N PHE A 233 -13.43 1.32 -3.12
CA PHE A 233 -12.71 0.37 -3.97
C PHE A 233 -13.33 -1.03 -3.90
N ARG A 234 -13.94 -1.41 -2.77
N ARG A 234 -13.95 -1.41 -2.78
CA ARG A 234 -14.67 -2.67 -2.71
CA ARG A 234 -14.66 -2.68 -2.71
C ARG A 234 -15.77 -2.71 -3.76
C ARG A 234 -15.79 -2.73 -3.74
N LEU A 235 -16.55 -1.64 -3.85
CA LEU A 235 -17.61 -1.57 -4.85
C LEU A 235 -17.02 -1.55 -6.27
N LEU A 236 -15.91 -0.85 -6.49
CA LEU A 236 -15.31 -0.88 -7.82
C LEU A 236 -14.92 -2.31 -8.21
N GLY A 237 -14.32 -3.05 -7.28
CA GLY A 237 -13.91 -4.41 -7.61
C GLY A 237 -15.10 -5.30 -7.89
N GLN A 238 -16.16 -5.16 -7.09
N GLN A 238 -16.14 -5.18 -7.07
CA GLN A 238 -17.36 -5.97 -7.26
CA GLN A 238 -17.36 -5.97 -7.26
C GLN A 238 -18.04 -5.66 -8.58
C GLN A 238 -18.00 -5.66 -8.61
N THR A 239 -18.22 -4.38 -8.88
CA THR A 239 -18.90 -3.96 -10.10
C THR A 239 -18.10 -4.29 -11.36
N SER A 240 -16.78 -4.06 -11.33
CA SER A 240 -15.98 -4.39 -12.52
C SER A 240 -16.01 -5.89 -12.82
N VAL A 241 -15.84 -6.74 -11.80
CA VAL A 241 -15.91 -8.17 -12.06
C VAL A 241 -17.30 -8.55 -12.56
N ASN A 242 -18.34 -7.96 -11.97
CA ASN A 242 -19.70 -8.30 -12.40
C ASN A 242 -19.93 -7.88 -13.84
N ARG A 243 -19.45 -6.70 -14.22
CA ARG A 243 -19.62 -6.23 -15.60
C ARG A 243 -18.82 -7.10 -16.57
N LEU A 244 -17.59 -7.49 -16.20
CA LEU A 244 -16.83 -8.37 -17.09
C LEU A 244 -17.56 -9.70 -17.29
N VAL A 245 -18.14 -10.26 -16.23
CA VAL A 245 -18.92 -11.50 -16.36
C VAL A 245 -20.12 -11.29 -17.27
N GLN A 246 -20.82 -10.17 -17.12
CA GLN A 246 -21.94 -9.90 -18.00
C GLN A 246 -21.49 -9.81 -19.46
N LEU A 247 -20.32 -9.22 -19.72
CA LEU A 247 -19.81 -9.16 -21.09
C LEU A 247 -19.44 -10.54 -21.62
N LEU A 248 -18.88 -11.40 -20.79
CA LEU A 248 -18.54 -12.73 -21.25
C LEU A 248 -19.80 -13.54 -21.58
N GLN A 249 -20.88 -13.31 -20.82
CA GLN A 249 -22.12 -14.06 -21.01
C GLN A 249 -22.92 -13.53 -22.20
N ASN A 250 -22.93 -12.21 -22.39
CA ASN A 250 -23.68 -11.58 -23.48
C ASN A 250 -22.89 -10.37 -23.94
N PRO A 251 -22.22 -10.46 -25.08
CA PRO A 251 -21.29 -9.40 -25.47
C PRO A 251 -21.90 -8.03 -25.74
N SER A 252 -23.19 -7.85 -25.47
CA SER A 252 -23.84 -6.56 -25.71
C SER A 252 -23.13 -5.43 -24.95
N ALA A 253 -22.61 -4.47 -25.70
CA ALA A 253 -21.89 -3.33 -25.13
C ALA A 253 -22.82 -2.47 -24.26
N GLN A 254 -22.30 -1.98 -23.15
CA GLN A 254 -23.08 -1.24 -22.18
C GLN A 254 -22.49 0.16 -22.00
N SER A 255 -23.36 1.13 -21.69
CA SER A 255 -22.87 2.47 -21.41
C SER A 255 -21.88 2.43 -20.24
N PRO A 256 -20.95 3.40 -20.19
CA PRO A 256 -20.05 3.48 -19.04
C PRO A 256 -20.86 3.58 -17.75
N GLN A 257 -20.39 2.90 -16.73
CA GLN A 257 -21.02 2.99 -15.42
C GLN A 257 -20.16 3.88 -14.54
N LEU A 258 -20.77 4.94 -14.01
CA LEU A 258 -20.09 5.89 -13.14
C LEU A 258 -20.46 5.59 -11.69
N LEU A 259 -19.46 5.28 -10.88
CA LEU A 259 -19.75 5.05 -9.47
C LEU A 259 -19.66 6.36 -8.69
N PRO A 260 -20.56 6.57 -7.74
CA PRO A 260 -20.54 7.81 -6.96
C PRO A 260 -19.42 7.81 -5.95
N VAL A 261 -19.04 9.02 -5.52
CA VAL A 261 -18.08 9.18 -4.43
C VAL A 261 -18.75 10.03 -3.36
N THR A 262 -18.18 9.99 -2.16
CA THR A 262 -18.74 10.71 -1.03
C THR A 262 -17.65 11.43 -0.26
N LEU A 263 -18.06 12.43 0.52
CA LEU A 263 -17.17 13.12 1.44
C LEU A 263 -17.25 12.43 2.79
N VAL A 264 -16.10 12.04 3.33
CA VAL A 264 -16.01 11.49 4.69
C VAL A 264 -15.41 12.57 5.56
N LYS A 265 -16.21 13.10 6.50
CA LYS A 265 -15.78 14.14 7.40
C LYS A 265 -15.10 13.52 8.60
N ARG A 266 -13.82 13.87 8.81
CA ARG A 266 -13.12 13.43 10.00
C ARG A 266 -12.66 14.65 10.76
N LYS A 267 -11.33 14.87 10.88
CA LYS A 267 -10.81 15.86 11.82
C LYS A 267 -9.86 16.88 11.20
N THR A 268 -9.82 17.02 9.87
CA THR A 268 -8.88 17.97 9.27
C THR A 268 -9.53 19.20 8.62
N THR A 269 -10.82 19.47 8.84
CA THR A 269 -11.37 20.74 8.35
C THR A 269 -12.16 21.50 9.42
N ALA A 270 -12.22 22.81 9.24
CA ALA A 270 -12.87 23.73 10.15
C ALA A 270 -13.00 25.06 9.42
N PRO A 271 -13.80 26.00 9.92
CA PRO A 271 -13.82 27.31 9.30
C PRO A 271 -12.44 27.96 9.36
N PRO A 272 -12.17 28.91 8.47
CA PRO A 272 -10.88 29.61 8.51
C PRO A 272 -10.69 30.40 9.79
N GLU A 273 -9.42 30.54 10.17
CA GLU A 273 -9.05 31.44 11.24
C GLU A 273 -9.54 32.83 10.90
N ASN A 274 -10.38 33.39 11.76
CA ASN A 274 -11.09 34.62 11.44
C ASN A 274 -10.34 35.85 11.95
N LYS B 2 10.06 -25.42 -22.99
CA LYS B 2 10.66 -24.21 -23.57
C LYS B 2 10.53 -23.03 -22.61
N GLN B 3 11.61 -22.26 -22.48
CA GLN B 3 11.61 -21.09 -21.63
C GLN B 3 10.62 -20.04 -22.15
N SER B 4 9.94 -19.34 -21.23
CA SER B 4 8.98 -18.32 -21.59
C SER B 4 9.37 -16.91 -21.15
N HIS B 5 10.44 -16.76 -20.36
CA HIS B 5 10.87 -15.47 -19.84
C HIS B 5 9.78 -14.84 -18.98
N THR B 6 9.12 -15.67 -18.17
CA THR B 6 8.05 -15.23 -17.30
C THR B 6 8.27 -15.84 -15.92
N ILE B 7 8.26 -14.99 -14.89
CA ILE B 7 8.40 -15.42 -13.51
C ILE B 7 7.02 -15.29 -12.87
N GLY B 8 6.62 -16.31 -12.11
CA GLY B 8 5.35 -16.27 -11.38
C GLY B 8 5.60 -15.88 -9.92
N LEU B 9 4.74 -15.02 -9.40
CA LEU B 9 4.87 -14.50 -8.03
C LEU B 9 3.56 -14.71 -7.28
N ALA B 10 3.57 -15.56 -6.26
CA ALA B 10 2.43 -15.72 -5.37
C ALA B 10 2.65 -14.82 -4.17
N THR B 11 1.64 -14.02 -3.83
CA THR B 11 1.81 -12.99 -2.81
C THR B 11 0.60 -12.94 -1.89
N THR B 12 0.87 -12.66 -0.63
CA THR B 12 -0.17 -12.37 0.34
C THR B 12 -0.80 -11.01 0.03
N ASN B 13 -1.79 -10.63 0.83
CA ASN B 13 -2.62 -9.42 0.67
C ASN B 13 -1.86 -8.19 0.18
N LEU B 14 -2.11 -7.77 -1.05
CA LEU B 14 -1.44 -6.59 -1.61
C LEU B 14 -1.91 -5.29 -0.99
N ALA B 15 -3.00 -5.32 -0.23
CA ALA B 15 -3.42 -4.12 0.50
C ALA B 15 -2.51 -3.82 1.68
N LEU B 16 -1.63 -4.72 2.08
CA LEU B 16 -0.58 -4.37 3.02
C LEU B 16 0.60 -3.79 2.24
N HIS B 17 1.26 -2.77 2.82
CA HIS B 17 2.22 -1.97 2.05
C HIS B 17 3.50 -2.73 1.74
N ALA B 18 4.02 -3.51 2.68
CA ALA B 18 5.26 -4.26 2.41
C ALA B 18 5.10 -5.25 1.24
N PRO B 19 4.08 -6.12 1.20
CA PRO B 19 3.97 -7.02 0.03
C PRO B 19 3.87 -6.28 -1.31
N SER B 20 3.20 -5.13 -1.35
N SER B 20 3.20 -5.12 -1.34
CA SER B 20 3.10 -4.39 -2.59
CA SER B 20 3.10 -4.38 -2.59
C SER B 20 4.45 -3.80 -3.00
C SER B 20 4.43 -3.78 -3.00
N GLN B 21 5.23 -3.32 -2.03
CA GLN B 21 6.56 -2.84 -2.37
C GLN B 21 7.45 -3.97 -2.84
N ILE B 22 7.25 -5.18 -2.31
CA ILE B 22 8.02 -6.33 -2.75
C ILE B 22 7.65 -6.68 -4.20
N VAL B 23 6.35 -6.67 -4.55
CA VAL B 23 5.95 -6.91 -5.94
C VAL B 23 6.61 -5.90 -6.87
N ALA B 24 6.55 -4.62 -6.51
CA ALA B 24 7.14 -3.58 -7.32
C ALA B 24 8.63 -3.80 -7.53
N ALA B 25 9.35 -4.19 -6.46
CA ALA B 25 10.79 -4.38 -6.59
C ALA B 25 11.15 -5.61 -7.40
N ILE B 26 10.33 -6.67 -7.31
CA ILE B 26 10.56 -7.86 -8.12
C ILE B 26 10.31 -7.57 -9.61
N LYS B 27 9.20 -6.90 -9.92
CA LYS B 27 8.92 -6.50 -11.30
C LYS B 27 10.05 -5.65 -11.88
N SER B 28 10.57 -4.70 -11.10
CA SER B 28 11.62 -3.82 -11.60
C SER B 28 12.87 -4.62 -11.99
N ARG B 29 13.36 -5.49 -11.11
CA ARG B 29 14.55 -6.27 -11.46
C ARG B 29 14.25 -7.25 -12.59
N ALA B 30 13.07 -7.88 -12.57
CA ALA B 30 12.72 -8.82 -13.63
C ALA B 30 12.76 -8.14 -14.99
N SER B 31 12.20 -6.93 -15.08
CA SER B 31 12.22 -6.19 -16.34
C SER B 31 13.63 -5.90 -16.80
N GLN B 32 14.53 -5.57 -15.86
CA GLN B 32 15.92 -5.33 -16.24
C GLN B 32 16.60 -6.59 -16.73
N MET B 33 16.13 -7.75 -16.29
CA MET B 33 16.69 -9.03 -16.71
C MET B 33 15.95 -9.65 -17.89
N GLY B 34 14.96 -8.95 -18.45
CA GLY B 34 14.24 -9.46 -19.60
C GLY B 34 13.10 -10.41 -19.28
N PHE B 35 12.56 -10.35 -18.07
CA PHE B 35 11.50 -11.24 -17.63
C PHE B 35 10.22 -10.46 -17.36
N ASN B 36 9.09 -11.02 -17.80
CA ASN B 36 7.77 -10.58 -17.35
C ASN B 36 7.47 -11.23 -16.01
N VAL B 37 6.62 -10.58 -15.20
CA VAL B 37 6.16 -11.12 -13.93
C VAL B 37 4.64 -11.25 -13.98
N VAL B 38 4.15 -12.43 -13.61
CA VAL B 38 2.72 -12.70 -13.49
C VAL B 38 2.44 -12.95 -12.01
N ILE B 39 1.50 -12.19 -11.45
CA ILE B 39 1.29 -12.12 -10.01
C ILE B 39 -0.04 -12.79 -9.66
N SER B 40 -0.03 -13.62 -8.62
CA SER B 40 -1.24 -14.21 -8.09
C SER B 40 -1.34 -13.85 -6.61
N MET B 41 -2.47 -13.28 -6.20
N MET B 41 -2.47 -13.24 -6.23
CA MET B 41 -2.69 -12.94 -4.80
CA MET B 41 -2.79 -12.97 -4.84
C MET B 41 -3.48 -14.07 -4.14
C MET B 41 -3.40 -14.22 -4.21
N VAL B 42 -2.98 -14.55 -3.00
CA VAL B 42 -3.53 -15.71 -2.30
C VAL B 42 -3.82 -15.36 -0.85
N GLU B 43 -4.72 -16.16 -0.25
CA GLU B 43 -4.93 -16.14 1.18
C GLU B 43 -4.16 -17.31 1.82
N GLN B 44 -4.18 -17.36 3.14
CA GLN B 44 -3.36 -18.33 3.86
C GLN B 44 -3.78 -19.76 3.57
N GLY B 45 -2.80 -20.65 3.56
CA GLY B 45 -3.06 -22.08 3.47
C GLY B 45 -2.28 -22.75 2.35
N VAL B 46 -1.93 -24.03 2.58
CA VAL B 46 -1.24 -24.81 1.56
C VAL B 46 -2.10 -24.92 0.31
N GLU B 47 -3.39 -25.17 0.47
CA GLU B 47 -4.26 -25.36 -0.69
C GLU B 47 -4.34 -24.09 -1.53
N ALA B 48 -4.46 -22.93 -0.88
CA ALA B 48 -4.50 -21.69 -1.64
C ALA B 48 -3.19 -21.44 -2.37
N CYS B 49 -2.07 -21.84 -1.78
CA CYS B 49 -0.77 -21.67 -2.44
C CYS B 49 -0.56 -22.69 -3.55
N LYS B 50 -0.94 -23.95 -3.30
CA LYS B 50 -0.77 -25.01 -4.30
C LYS B 50 -1.62 -24.72 -5.55
N ALA B 51 -2.84 -24.21 -5.35
CA ALA B 51 -3.67 -23.86 -6.49
C ALA B 51 -3.03 -22.75 -7.32
N ALA B 52 -2.40 -21.78 -6.65
CA ALA B 52 -1.73 -20.70 -7.36
C ALA B 52 -0.56 -21.22 -8.17
N VAL B 53 0.18 -22.18 -7.62
CA VAL B 53 1.37 -22.71 -8.31
C VAL B 53 0.97 -23.48 -9.56
N ASN B 54 0.03 -24.41 -9.45
CA ASN B 54 -0.30 -25.27 -10.58
C ASN B 54 -0.78 -24.47 -11.78
N SER B 55 -1.57 -23.43 -11.54
CA SER B 55 -2.07 -22.61 -12.65
C SER B 55 -0.91 -21.96 -13.40
N LEU B 56 0.05 -21.38 -12.67
CA LEU B 56 1.19 -20.77 -13.32
C LEU B 56 2.01 -21.81 -14.08
N LEU B 57 2.22 -22.99 -13.48
CA LEU B 57 2.97 -24.03 -14.16
C LEU B 57 2.26 -24.51 -15.41
N ALA B 58 0.92 -24.47 -15.42
CA ALA B 58 0.17 -24.84 -16.62
C ALA B 58 0.42 -23.88 -17.77
N GLN B 59 0.80 -22.64 -17.48
CA GLN B 59 1.07 -21.66 -18.53
C GLN B 59 2.57 -21.42 -18.73
N ARG B 60 3.40 -22.37 -18.31
CA ARG B 60 4.82 -22.43 -18.70
C ARG B 60 5.63 -21.27 -18.12
N VAL B 61 5.43 -20.95 -16.84
CA VAL B 61 6.31 -19.97 -16.20
C VAL B 61 7.62 -20.65 -15.84
N ASP B 62 8.71 -19.89 -15.89
CA ASP B 62 10.04 -20.48 -15.75
C ASP B 62 10.42 -20.72 -14.30
N GLY B 63 9.85 -19.96 -13.37
CA GLY B 63 10.22 -20.07 -11.97
C GLY B 63 9.26 -19.26 -11.12
N LEU B 64 9.27 -19.57 -9.83
CA LEU B 64 8.27 -19.05 -8.90
C LEU B 64 8.94 -18.36 -7.72
N ILE B 65 8.28 -17.33 -7.22
CA ILE B 65 8.68 -16.65 -6.00
C ILE B 65 7.44 -16.61 -5.11
N ILE B 66 7.55 -17.13 -3.88
CA ILE B 66 6.41 -17.26 -2.97
C ILE B 66 6.61 -16.29 -1.80
N ASN B 67 5.83 -15.21 -1.78
CA ASN B 67 5.82 -14.31 -0.64
C ASN B 67 4.52 -14.47 0.13
N VAL B 68 4.42 -15.58 0.85
CA VAL B 68 3.29 -15.88 1.72
C VAL B 68 3.84 -16.43 3.03
N PRO B 69 3.37 -15.98 4.20
CA PRO B 69 3.86 -16.54 5.48
C PRO B 69 3.47 -18.01 5.60
N LEU B 70 4.48 -18.85 5.82
CA LEU B 70 4.27 -20.30 5.91
C LEU B 70 5.15 -20.90 6.99
N GLU B 71 4.56 -21.79 7.79
CA GLU B 71 5.34 -22.58 8.73
C GLU B 71 6.16 -23.62 7.98
N ASN B 72 7.04 -24.31 8.72
CA ASN B 72 7.92 -25.31 8.13
C ASN B 72 7.16 -26.30 7.26
N GLU B 73 6.27 -27.08 7.86
CA GLU B 73 5.59 -28.17 7.15
C GLU B 73 4.82 -27.63 5.96
N ASP B 74 4.07 -26.55 6.16
CA ASP B 74 3.29 -25.99 5.07
C ASP B 74 4.17 -25.43 3.95
N ALA B 75 5.35 -24.92 4.28
CA ALA B 75 6.28 -24.45 3.24
C ALA B 75 6.86 -25.62 2.45
N GLN B 76 7.10 -26.76 3.11
CA GLN B 76 7.57 -27.95 2.41
C GLN B 76 6.51 -28.47 1.45
N ALA B 77 5.24 -28.39 1.83
CA ALA B 77 4.17 -28.88 0.96
C ALA B 77 4.03 -28.00 -0.27
N VAL B 78 4.23 -26.70 -0.13
CA VAL B 78 4.16 -25.81 -1.29
C VAL B 78 5.34 -26.06 -2.21
N ALA B 79 6.55 -26.15 -1.64
CA ALA B 79 7.75 -26.46 -2.42
C ALA B 79 7.56 -27.74 -3.22
N GLN B 80 6.97 -28.76 -2.59
CA GLN B 80 6.77 -30.04 -3.25
C GLN B 80 5.88 -29.92 -4.48
N ALA B 81 4.86 -29.07 -4.41
CA ALA B 81 3.92 -28.94 -5.51
C ALA B 81 4.57 -28.34 -6.75
N CYS B 82 5.60 -27.53 -6.59
CA CYS B 82 6.23 -26.90 -7.75
C CYS B 82 6.98 -27.87 -8.65
N GLY B 83 7.04 -29.14 -8.30
CA GLY B 83 7.74 -30.11 -9.12
C GLY B 83 9.20 -29.74 -9.28
N ASN B 84 9.62 -29.55 -10.53
CA ASN B 84 11.00 -29.21 -10.85
C ASN B 84 11.17 -27.76 -11.29
N VAL B 85 10.13 -26.95 -11.17
CA VAL B 85 10.27 -25.51 -11.42
C VAL B 85 10.96 -24.87 -10.23
N PRO B 86 12.02 -24.08 -10.44
CA PRO B 86 12.68 -23.39 -9.32
C PRO B 86 11.67 -22.54 -8.55
N VAL B 87 11.75 -22.62 -7.21
CA VAL B 87 10.84 -21.88 -6.34
C VAL B 87 11.62 -21.33 -5.14
N LEU B 88 11.34 -20.08 -4.80
CA LEU B 88 11.98 -19.34 -3.71
C LEU B 88 10.91 -18.81 -2.76
N PHE B 89 11.21 -18.83 -1.46
CA PHE B 89 10.28 -18.36 -0.42
C PHE B 89 10.83 -17.11 0.27
N LEU B 90 9.95 -16.15 0.55
CA LEU B 90 10.35 -14.89 1.16
C LEU B 90 9.84 -14.73 2.58
N ASP B 91 9.04 -15.67 3.10
CA ASP B 91 8.47 -15.50 4.43
C ASP B 91 8.21 -16.87 5.08
N VAL B 92 9.28 -17.50 5.57
CA VAL B 92 9.20 -18.84 6.12
C VAL B 92 10.00 -18.95 7.42
N SER B 93 9.59 -19.91 8.26
CA SER B 93 10.39 -20.33 9.39
C SER B 93 11.53 -21.20 8.88
N PRO B 94 12.51 -21.54 9.75
CA PRO B 94 13.53 -22.51 9.36
C PRO B 94 12.93 -23.72 8.64
N ALA B 95 13.27 -23.87 7.36
CA ALA B 95 12.66 -24.88 6.51
C ALA B 95 13.69 -25.39 5.51
N PRO B 96 13.56 -26.65 5.08
CA PRO B 96 14.43 -27.18 4.00
C PRO B 96 13.97 -26.73 2.61
N VAL B 97 13.87 -25.41 2.43
CA VAL B 97 13.43 -24.80 1.19
C VAL B 97 14.41 -23.69 0.83
N ASN B 98 14.36 -23.26 -0.44
CA ASN B 98 15.08 -22.05 -0.84
C ASN B 98 14.40 -20.82 -0.27
N SER B 99 15.16 -19.97 0.40
CA SER B 99 14.60 -18.76 0.95
C SER B 99 15.59 -17.62 0.79
N VAL B 100 15.04 -16.42 0.57
CA VAL B 100 15.78 -15.17 0.65
C VAL B 100 15.01 -14.33 1.66
N LEU B 101 15.64 -14.08 2.81
CA LEU B 101 14.96 -13.57 3.98
C LEU B 101 15.74 -12.38 4.53
N PHE B 102 15.02 -11.38 5.02
CA PHE B 102 15.63 -10.46 5.97
C PHE B 102 15.74 -11.18 7.30
N ASP B 103 16.83 -10.95 8.01
CA ASP B 103 17.12 -11.66 9.24
C ASP B 103 16.03 -11.37 10.28
N PRO B 104 15.21 -12.37 10.62
CA PRO B 104 14.03 -12.08 11.44
C PRO B 104 14.39 -11.67 12.86
N HIS B 105 15.44 -12.27 13.40
CA HIS B 105 15.86 -11.99 14.77
C HIS B 105 16.62 -10.68 14.88
N GLU B 106 17.33 -10.28 13.82
CA GLU B 106 18.18 -9.10 13.93
C GLU B 106 17.36 -7.83 14.04
N GLY B 107 16.24 -7.76 13.33
CA GLY B 107 15.40 -6.57 13.40
C GLY B 107 14.84 -6.37 14.79
N ALA B 108 14.42 -7.46 15.43
CA ALA B 108 13.95 -7.39 16.82
C ALA B 108 15.08 -6.97 17.74
N ARG B 109 16.26 -7.58 17.58
CA ARG B 109 17.41 -7.24 18.42
C ARG B 109 17.76 -5.76 18.31
N LEU B 110 17.80 -5.23 17.08
CA LEU B 110 18.15 -3.81 16.88
C LEU B 110 17.18 -2.90 17.61
N GLY B 111 15.89 -3.22 17.55
CA GLY B 111 14.91 -2.36 18.18
C GLY B 111 15.06 -2.33 19.69
N VAL B 112 15.20 -3.51 20.32
CA VAL B 112 15.38 -3.54 21.77
C VAL B 112 16.67 -2.83 22.15
N GLU B 113 17.76 -3.12 21.45
CA GLU B 113 19.04 -2.54 21.84
C GLU B 113 19.00 -1.02 21.74
N HIS B 114 18.34 -0.49 20.71
CA HIS B 114 18.20 0.97 20.56
C HIS B 114 17.48 1.57 21.76
N LEU B 115 16.35 0.98 22.15
CA LEU B 115 15.59 1.55 23.26
C LEU B 115 16.32 1.37 24.58
N VAL B 116 16.92 0.21 24.80
CA VAL B 116 17.65 -0.02 26.05
C VAL B 116 18.83 0.93 26.17
N ALA B 117 19.53 1.18 25.05
CA ALA B 117 20.69 2.08 25.07
C ALA B 117 20.27 3.51 25.41
N LEU B 118 19.06 3.89 25.01
CA LEU B 118 18.54 5.21 25.34
C LEU B 118 18.13 5.32 26.80
N GLY B 119 18.00 4.20 27.50
CA GLY B 119 17.64 4.21 28.92
C GLY B 119 16.28 3.62 29.26
N HIS B 120 15.52 3.14 28.28
CA HIS B 120 14.19 2.63 28.57
C HIS B 120 14.25 1.31 29.33
N GLN B 121 13.32 1.18 30.30
CA GLN B 121 13.11 -0.04 31.05
C GLN B 121 11.69 -0.57 31.00
N ARG B 122 10.72 0.26 30.61
N ARG B 122 10.71 0.26 30.64
CA ARG B 122 9.29 -0.09 30.57
CA ARG B 122 9.30 -0.11 30.57
C ARG B 122 8.88 -0.10 29.09
C ARG B 122 8.91 -0.10 29.10
N ILE B 123 9.10 -1.24 28.44
CA ILE B 123 8.93 -1.36 26.99
C ILE B 123 7.75 -2.28 26.71
N ALA B 124 6.81 -1.81 25.89
CA ALA B 124 5.70 -2.66 25.47
C ALA B 124 5.91 -3.16 24.05
N LEU B 125 5.27 -4.28 23.73
CA LEU B 125 5.40 -4.92 22.43
C LEU B 125 4.04 -5.02 21.75
N LEU B 126 3.98 -4.61 20.49
CA LEU B 126 2.77 -4.73 19.70
C LEU B 126 3.10 -5.64 18.52
N THR B 127 2.70 -6.92 18.61
CA THR B 127 3.09 -7.92 17.61
C THR B 127 2.14 -7.87 16.41
N GLY B 128 2.57 -8.51 15.33
CA GLY B 128 1.64 -8.88 14.28
C GLY B 128 0.81 -10.08 14.69
N PRO B 129 -0.02 -10.56 13.77
CA PRO B 129 -0.86 -11.73 14.07
C PRO B 129 0.01 -12.95 14.28
N LEU B 130 -0.27 -13.67 15.36
CA LEU B 130 0.59 -14.79 15.71
C LEU B 130 0.44 -15.97 14.75
N THR B 131 -0.53 -15.94 13.84
CA THR B 131 -0.56 -16.90 12.75
C THR B 131 0.58 -16.69 11.76
N SER B 132 1.26 -15.55 11.81
CA SER B 132 2.35 -15.22 10.89
C SER B 132 3.68 -15.61 11.49
N VAL B 133 4.46 -16.42 10.75
CA VAL B 133 5.80 -16.80 11.21
C VAL B 133 6.65 -15.56 11.48
N SER B 134 6.59 -14.57 10.59
CA SER B 134 7.35 -13.34 10.76
C SER B 134 6.97 -12.65 12.07
N ALA B 135 5.68 -12.52 12.34
CA ALA B 135 5.28 -11.86 13.57
C ALA B 135 5.75 -12.64 14.80
N ARG B 136 5.68 -13.98 14.73
CA ARG B 136 6.11 -14.78 15.88
C ARG B 136 7.60 -14.65 16.12
N LEU B 137 8.41 -14.70 15.06
CA LEU B 137 9.85 -14.61 15.24
C LEU B 137 10.28 -13.23 15.71
N ARG B 138 9.60 -12.15 15.25
CA ARG B 138 9.90 -10.82 15.76
C ARG B 138 9.57 -10.74 17.25
N PHE B 139 8.39 -11.26 17.64
CA PHE B 139 8.04 -11.29 19.06
C PHE B 139 9.07 -12.03 19.88
N GLU B 140 9.48 -13.22 19.44
CA GLU B 140 10.44 -14.01 20.21
C GLU B 140 11.78 -13.30 20.30
N GLY B 141 12.20 -12.65 19.21
CA GLY B 141 13.43 -11.85 19.25
C GLY B 141 13.35 -10.71 20.24
N TRP B 142 12.19 -10.02 20.29
CA TRP B 142 12.04 -8.94 21.26
C TRP B 142 12.13 -9.47 22.68
N ARG B 143 11.38 -10.54 22.97
CA ARG B 143 11.37 -11.08 24.32
C ARG B 143 12.75 -11.55 24.73
N GLN B 144 13.47 -12.24 23.82
CA GLN B 144 14.80 -12.75 24.14
C GLN B 144 15.78 -11.62 24.37
N THR B 145 15.75 -10.59 23.53
CA THR B 145 16.71 -9.51 23.70
C THR B 145 16.43 -8.70 24.97
N LEU B 146 15.15 -8.49 25.29
CA LEU B 146 14.80 -7.86 26.56
C LEU B 146 15.33 -8.68 27.73
N ALA B 147 15.17 -10.03 27.67
CA ALA B 147 15.64 -10.89 28.75
C ALA B 147 17.15 -10.84 28.92
N GLN B 148 17.90 -10.62 27.84
CA GLN B 148 19.35 -10.46 27.97
C GLN B 148 19.72 -9.20 28.73
N HIS B 149 18.81 -8.24 28.85
CA HIS B 149 18.96 -7.05 29.68
C HIS B 149 18.17 -7.13 30.98
N GLN B 150 17.73 -8.34 31.35
N GLN B 150 17.71 -8.33 31.34
CA GLN B 150 16.96 -8.56 32.58
CA GLN B 150 16.96 -8.57 32.57
C GLN B 150 15.69 -7.69 32.63
C GLN B 150 15.70 -7.71 32.63
N LEU B 151 15.00 -7.62 31.48
CA LEU B 151 13.71 -6.92 31.41
C LEU B 151 12.64 -7.86 30.88
N GLN B 152 11.41 -7.67 31.38
CA GLN B 152 10.23 -8.26 30.76
C GLN B 152 9.42 -7.15 30.08
N PRO B 153 8.74 -7.45 28.98
CA PRO B 153 7.86 -6.44 28.39
C PRO B 153 6.77 -6.07 29.38
N ILE B 154 6.43 -4.77 29.41
N ILE B 154 6.42 -4.78 29.41
CA ILE B 154 5.39 -4.30 30.32
CA ILE B 154 5.38 -4.35 30.34
C ILE B 154 4.00 -4.65 29.82
C ILE B 154 3.98 -4.67 29.82
N ALA B 155 3.84 -4.84 28.51
CA ALA B 155 2.59 -5.27 27.90
C ALA B 155 2.95 -5.96 26.60
N VAL B 156 2.11 -6.91 26.19
CA VAL B 156 2.26 -7.57 24.90
C VAL B 156 0.86 -7.64 24.29
N LEU B 157 0.66 -6.96 23.17
CA LEU B 157 -0.61 -7.00 22.47
C LEU B 157 -0.37 -7.45 21.04
N HIS B 158 -1.43 -7.87 20.38
CA HIS B 158 -1.33 -8.46 19.05
C HIS B 158 -2.26 -7.72 18.09
N GLY B 159 -1.70 -7.22 16.99
CA GLY B 159 -2.46 -6.58 15.94
C GLY B 159 -2.59 -7.47 14.71
N ASP B 160 -3.09 -6.86 13.63
CA ASP B 160 -3.35 -7.61 12.39
C ASP B 160 -2.63 -7.03 11.18
N TRP B 161 -1.60 -6.20 11.40
CA TRP B 161 -0.74 -5.49 10.45
C TRP B 161 -1.34 -4.16 9.99
N SER B 162 -2.62 -3.87 10.30
CA SER B 162 -3.23 -2.64 9.81
C SER B 162 -3.05 -1.50 10.78
N ALA B 163 -3.19 -0.27 10.26
CA ALA B 163 -3.09 0.91 11.12
C ALA B 163 -4.18 0.92 12.20
N LEU B 164 -5.42 0.60 11.84
CA LEU B 164 -6.50 0.65 12.83
C LEU B 164 -6.24 -0.31 13.98
N SER B 165 -5.65 -1.47 13.67
N SER B 165 -5.66 -1.48 13.67
CA SER B 165 -5.33 -2.43 14.72
CA SER B 165 -5.33 -2.42 14.74
C SER B 165 -4.24 -1.89 15.63
C SER B 165 -4.24 -1.87 15.65
N GLY B 166 -3.27 -1.15 15.09
CA GLY B 166 -2.29 -0.47 15.92
C GLY B 166 -2.92 0.55 16.85
N TYR B 167 -3.87 1.34 16.33
CA TYR B 167 -4.62 2.26 17.19
C TYR B 167 -5.37 1.52 18.28
N GLN B 168 -6.14 0.49 17.91
CA GLN B 168 -7.00 -0.19 18.89
C GLN B 168 -6.17 -0.88 19.96
N GLN B 169 -5.08 -1.54 19.57
CA GLN B 169 -4.28 -2.24 20.57
C GLN B 169 -3.51 -1.27 21.45
N THR B 170 -3.09 -0.15 20.90
CA THR B 170 -2.39 0.83 21.74
C THR B 170 -3.34 1.46 22.73
N MET B 171 -4.57 1.77 22.33
CA MET B 171 -5.56 2.26 23.26
C MET B 171 -5.79 1.25 24.40
N GLN B 172 -5.87 -0.04 24.07
CA GLN B 172 -6.05 -1.05 25.10
C GLN B 172 -4.86 -1.09 26.04
N MET B 173 -3.65 -0.98 25.49
N MET B 173 -3.64 -1.00 25.50
CA MET B 173 -2.41 -0.98 26.27
CA MET B 173 -2.45 -0.99 26.35
C MET B 173 -2.41 0.15 27.30
C MET B 173 -2.51 0.13 27.36
N LEU B 174 -2.91 1.33 26.92
CA LEU B 174 -2.91 2.49 27.79
C LEU B 174 -3.95 2.40 28.88
N ASN B 175 -4.88 1.44 28.80
CA ASN B 175 -5.82 1.19 29.89
C ASN B 175 -5.18 0.39 31.01
N GLU B 176 -4.09 -0.31 30.72
CA GLU B 176 -3.50 -1.24 31.68
C GLU B 176 -2.19 -0.75 32.26
N GLY B 177 -1.58 0.27 31.69
CA GLY B 177 -0.25 0.64 32.14
C GLY B 177 0.29 1.77 31.30
N LEU B 178 1.51 2.17 31.62
CA LEU B 178 2.13 3.31 30.94
C LEU B 178 3.55 2.94 30.61
N PRO B 179 3.80 2.44 29.40
CA PRO B 179 5.17 2.23 28.96
C PRO B 179 5.83 3.56 28.63
N THR B 180 7.16 3.54 28.58
CA THR B 180 7.90 4.66 28.02
C THR B 180 8.31 4.40 26.58
N ALA B 181 8.15 3.18 26.07
CA ALA B 181 8.47 2.91 24.69
C ALA B 181 7.64 1.74 24.19
N LEU B 182 7.36 1.75 22.89
CA LEU B 182 6.58 0.71 22.23
C LEU B 182 7.36 0.22 21.02
N LEU B 183 7.60 -1.10 20.95
CA LEU B 183 8.12 -1.75 19.74
C LEU B 183 6.93 -2.30 18.96
N VAL B 184 6.83 -1.92 17.68
CA VAL B 184 5.67 -2.29 16.86
C VAL B 184 6.17 -3.13 15.69
N ALA B 185 5.41 -4.17 15.35
CA ALA B 185 5.90 -5.14 14.39
C ALA B 185 5.80 -4.70 12.92
N ASN B 186 5.13 -3.58 12.61
CA ASN B 186 5.27 -2.99 11.28
C ASN B 186 4.92 -1.51 11.32
N ASP B 187 5.17 -0.84 10.19
CA ASP B 187 4.98 0.62 10.18
C ASP B 187 3.52 1.00 10.12
N GLN B 188 2.67 0.19 9.46
CA GLN B 188 1.25 0.52 9.41
C GLN B 188 0.65 0.52 10.81
N MET B 189 0.90 -0.53 11.60
CA MET B 189 0.43 -0.51 12.98
C MET B 189 1.05 0.63 13.77
N ALA B 190 2.31 0.98 13.47
CA ALA B 190 2.93 2.09 14.19
C ALA B 190 2.22 3.42 13.93
N LEU B 191 1.69 3.62 12.72
CA LEU B 191 0.91 4.81 12.45
C LEU B 191 -0.29 4.90 13.39
N GLY B 192 -0.99 3.78 13.58
CA GLY B 192 -2.13 3.77 14.48
C GLY B 192 -1.71 3.98 15.92
N ALA B 193 -0.54 3.43 16.30
CA ALA B 193 -0.06 3.68 17.66
C ALA B 193 0.25 5.15 17.89
N LEU B 194 0.86 5.83 16.90
CA LEU B 194 1.10 7.27 17.05
C LEU B 194 -0.21 8.02 17.26
N ARG B 195 -1.24 7.66 16.52
CA ARG B 195 -2.52 8.33 16.68
C ARG B 195 -3.08 8.12 18.07
N ALA B 196 -3.05 6.87 18.55
CA ALA B 196 -3.55 6.59 19.90
C ALA B 196 -2.81 7.38 20.95
N LEU B 197 -1.48 7.45 20.84
CA LEU B 197 -0.68 8.19 21.80
C LEU B 197 -1.04 9.68 21.77
N SER B 198 -1.09 10.27 20.57
CA SER B 198 -1.41 11.68 20.40
C SER B 198 -2.77 12.01 20.99
N GLU B 199 -3.79 11.20 20.67
CA GLU B 199 -5.13 11.49 21.11
C GLU B 199 -5.30 11.22 22.62
N SER B 200 -4.39 10.46 23.23
CA SER B 200 -4.38 10.23 24.67
C SER B 200 -3.55 11.26 25.44
N GLY B 201 -3.02 12.26 24.75
CA GLY B 201 -2.24 13.29 25.42
C GLY B 201 -0.81 12.90 25.77
N LEU B 202 -0.28 11.85 25.16
CA LEU B 202 1.11 11.43 25.38
C LEU B 202 1.95 11.88 24.19
N ARG B 203 2.92 12.74 24.45
CA ARG B 203 3.77 13.27 23.39
C ARG B 203 4.83 12.26 22.96
N VAL B 204 5.01 12.11 21.66
CA VAL B 204 6.01 11.24 21.05
C VAL B 204 7.08 12.15 20.42
N PRO B 205 8.37 11.97 20.78
CA PRO B 205 8.90 10.93 21.68
C PRO B 205 9.16 11.36 23.10
N ALA B 206 8.78 12.56 23.50
CA ALA B 206 9.17 13.05 24.81
C ALA B 206 8.63 12.17 25.94
N GLN B 207 7.39 11.67 25.80
CA GLN B 207 6.79 10.84 26.84
C GLN B 207 6.76 9.36 26.49
N VAL B 208 6.61 9.02 25.21
CA VAL B 208 6.64 7.64 24.73
C VAL B 208 7.40 7.59 23.43
N SER B 209 8.38 6.70 23.34
CA SER B 209 9.11 6.40 22.10
C SER B 209 8.41 5.27 21.33
N VAL B 210 8.52 5.30 20.00
CA VAL B 210 7.89 4.29 19.14
C VAL B 210 8.89 3.88 18.07
N VAL B 211 9.04 2.57 17.85
CA VAL B 211 9.85 2.02 16.77
C VAL B 211 8.96 1.14 15.91
N GLY B 212 8.99 1.35 14.59
CA GLY B 212 8.26 0.53 13.64
C GLY B 212 9.12 -0.56 13.04
N TYR B 213 8.61 -1.16 11.96
CA TYR B 213 9.32 -2.23 11.27
C TYR B 213 8.86 -2.24 9.82
N ASP B 214 9.83 -2.07 8.89
CA ASP B 214 9.74 -2.22 7.43
C ASP B 214 10.43 -1.07 6.73
N ASP B 215 10.21 0.15 7.23
CA ASP B 215 10.45 1.38 6.49
C ASP B 215 9.74 1.37 5.12
N THR B 216 8.42 1.15 5.18
CA THR B 216 7.63 1.36 3.97
C THR B 216 7.59 2.85 3.64
N GLU B 217 7.25 3.15 2.37
CA GLU B 217 7.54 4.46 1.79
C GLU B 217 6.97 5.64 2.58
N ASP B 218 5.72 5.53 3.05
CA ASP B 218 5.08 6.66 3.74
C ASP B 218 5.75 7.01 5.06
N SER B 219 6.50 6.09 5.69
CA SER B 219 6.85 6.27 7.11
C SER B 219 7.73 7.48 7.36
N ALA B 220 8.57 7.87 6.41
CA ALA B 220 9.36 9.09 6.57
C ALA B 220 8.48 10.34 6.67
N CYS B 221 7.20 10.23 6.32
CA CYS B 221 6.30 11.36 6.41
C CYS B 221 5.22 11.21 7.46
N PHE B 222 5.34 10.23 8.38
CA PHE B 222 4.47 10.21 9.56
C PHE B 222 4.75 11.44 10.44
N ILE B 223 3.83 11.72 11.37
CA ILE B 223 4.07 12.77 12.35
C ILE B 223 4.23 12.11 13.72
N PRO B 224 5.44 12.08 14.29
CA PRO B 224 6.70 12.50 13.68
C PRO B 224 7.24 11.44 12.74
N PRO B 225 8.21 11.79 11.90
CA PRO B 225 8.82 10.79 11.02
C PRO B 225 9.31 9.58 11.81
N LEU B 226 9.05 8.38 11.27
CA LEU B 226 9.08 7.15 12.08
C LEU B 226 10.47 6.51 12.12
N THR B 227 10.97 6.29 13.34
CA THR B 227 12.16 5.46 13.54
C THR B 227 11.74 4.00 13.38
N THR B 228 12.50 3.24 12.59
CA THR B 228 11.99 1.94 12.17
C THR B 228 13.12 1.04 11.71
N ILE B 229 12.85 -0.27 11.71
CA ILE B 229 13.76 -1.26 11.12
C ILE B 229 13.54 -1.32 9.61
N LYS B 230 14.56 -0.95 8.84
CA LYS B 230 14.40 -0.93 7.38
C LYS B 230 14.65 -2.33 6.83
N GLN B 231 13.66 -2.85 6.09
CA GLN B 231 13.84 -4.01 5.22
C GLN B 231 13.91 -3.43 3.81
N ASP B 232 15.08 -3.51 3.19
CA ASP B 232 15.29 -2.91 1.86
C ASP B 232 14.61 -3.78 0.80
N PHE B 233 13.39 -3.42 0.41
CA PHE B 233 12.63 -4.25 -0.50
C PHE B 233 13.20 -4.20 -1.90
N ARG B 234 13.84 -3.09 -2.26
CA ARG B 234 14.56 -3.03 -3.53
C ARG B 234 15.61 -4.12 -3.60
N LEU B 235 16.42 -4.24 -2.54
CA LEU B 235 17.45 -5.27 -2.52
C LEU B 235 16.83 -6.67 -2.49
N LEU B 236 15.72 -6.86 -1.76
CA LEU B 236 15.06 -8.16 -1.77
C LEU B 236 14.63 -8.52 -3.19
N GLY B 237 14.02 -7.57 -3.89
CA GLY B 237 13.59 -7.84 -5.25
C GLY B 237 14.76 -8.13 -6.17
N GLN B 238 15.86 -7.37 -6.04
CA GLN B 238 17.03 -7.67 -6.85
C GLN B 238 17.59 -9.05 -6.54
N THR B 239 17.69 -9.39 -5.26
CA THR B 239 18.35 -10.62 -4.84
C THR B 239 17.54 -11.86 -5.23
N SER B 240 16.21 -11.81 -5.04
CA SER B 240 15.39 -12.97 -5.36
C SER B 240 15.36 -13.23 -6.86
N VAL B 241 15.23 -12.17 -7.66
CA VAL B 241 15.22 -12.37 -9.10
C VAL B 241 16.56 -12.92 -9.58
N ASN B 242 17.67 -12.43 -8.98
CA ASN B 242 18.97 -12.98 -9.34
C ASN B 242 19.12 -14.42 -8.90
N ARG B 243 18.60 -14.78 -7.72
CA ARG B 243 18.71 -16.17 -7.27
C ARG B 243 17.88 -17.12 -8.13
N LEU B 244 16.74 -16.63 -8.65
CA LEU B 244 15.93 -17.47 -9.54
C LEU B 244 16.63 -17.68 -10.88
N VAL B 245 17.23 -16.63 -11.44
CA VAL B 245 18.03 -16.82 -12.65
C VAL B 245 19.17 -17.81 -12.42
N GLN B 246 19.82 -17.72 -11.25
CA GLN B 246 20.89 -18.64 -10.93
C GLN B 246 20.38 -20.07 -10.77
N LEU B 247 19.16 -20.24 -10.24
CA LEU B 247 18.58 -21.57 -10.07
C LEU B 247 18.13 -22.18 -11.38
N LEU B 248 17.81 -21.35 -12.37
CA LEU B 248 17.49 -21.87 -13.70
C LEU B 248 18.72 -22.42 -14.40
N GLN B 249 19.90 -21.84 -14.13
CA GLN B 249 21.11 -22.26 -14.82
C GLN B 249 21.73 -23.49 -14.17
N ASN B 250 21.81 -23.50 -12.84
CA ASN B 250 22.38 -24.62 -12.09
C ASN B 250 21.40 -25.00 -10.99
N PRO B 251 20.43 -25.89 -11.29
CA PRO B 251 19.56 -26.42 -10.25
C PRO B 251 20.35 -26.88 -9.04
N SER B 252 20.05 -26.33 -7.86
CA SER B 252 20.89 -26.51 -6.69
C SER B 252 20.07 -26.99 -5.51
N ALA B 253 20.78 -27.50 -4.51
CA ALA B 253 20.17 -27.87 -3.24
C ALA B 253 19.51 -26.66 -2.60
N GLN B 254 18.57 -26.90 -1.68
CA GLN B 254 17.88 -25.81 -0.99
C GLN B 254 18.87 -25.04 -0.12
N SER B 255 18.66 -23.72 -0.03
CA SER B 255 19.54 -22.91 0.79
C SER B 255 18.75 -21.76 1.40
N PRO B 256 19.02 -21.40 2.67
CA PRO B 256 18.47 -20.17 3.22
C PRO B 256 19.47 -19.02 3.15
N GLN B 257 19.07 -17.90 2.54
CA GLN B 257 19.95 -16.76 2.33
C GLN B 257 19.40 -15.54 3.05
N LEU B 258 20.28 -14.80 3.73
CA LEU B 258 19.89 -13.69 4.60
C LEU B 258 20.33 -12.35 4.03
N LEU B 259 19.48 -11.35 4.19
CA LEU B 259 19.81 -9.98 3.80
C LEU B 259 19.90 -9.11 5.06
N PRO B 260 20.74 -8.08 5.06
CA PRO B 260 20.85 -7.22 6.25
C PRO B 260 19.62 -6.35 6.46
N VAL B 261 19.35 -6.06 7.72
CA VAL B 261 18.41 -5.03 8.12
C VAL B 261 19.18 -3.96 8.87
N THR B 262 18.60 -2.76 8.92
CA THR B 262 19.22 -1.61 9.55
C THR B 262 18.17 -0.87 10.37
N LEU B 263 18.63 -0.14 11.37
CA LEU B 263 17.79 0.80 12.10
C LEU B 263 17.92 2.17 11.45
N VAL B 264 16.77 2.73 11.04
CA VAL B 264 16.70 4.08 10.49
C VAL B 264 16.18 4.98 11.60
N LYS B 265 17.05 5.87 12.08
CA LYS B 265 16.74 6.79 13.16
C LYS B 265 16.07 8.04 12.58
N ARG B 266 14.82 8.27 12.96
CA ARG B 266 14.15 9.50 12.58
C ARG B 266 13.76 10.28 13.84
N LYS B 267 12.45 10.41 14.10
CA LYS B 267 12.00 11.40 15.06
C LYS B 267 11.06 10.81 16.13
N THR B 268 10.97 9.49 16.25
CA THR B 268 10.05 8.92 17.23
C THR B 268 10.74 8.25 18.41
N THR B 269 12.04 8.41 18.60
CA THR B 269 12.64 7.89 19.83
C THR B 269 13.49 8.94 20.51
N ALA B 270 13.62 8.75 21.82
CA ALA B 270 14.31 9.66 22.72
C ALA B 270 14.56 8.92 24.03
N PRO B 271 15.37 9.45 24.93
CA PRO B 271 15.47 8.83 26.28
C PRO B 271 14.12 8.81 26.97
N PRO B 272 13.93 7.96 27.96
CA PRO B 272 12.67 7.99 28.71
C PRO B 272 12.45 9.34 29.36
N GLU B 273 11.16 9.69 29.50
CA GLU B 273 10.70 10.95 30.08
C GLU B 273 11.49 11.33 31.32
N ASN B 274 12.09 12.51 31.24
CA ASN B 274 12.74 13.20 32.35
C ASN B 274 13.96 12.45 32.89
N LEU B 275 14.48 11.47 32.13
CA LEU B 275 15.82 10.96 32.46
C LEU B 275 16.83 12.10 32.39
N TYR B 276 16.70 12.97 31.40
CA TYR B 276 17.60 14.12 31.28
C TYR B 276 16.78 15.41 31.30
N PHE B 277 16.05 15.64 32.39
CA PHE B 277 15.16 16.78 32.50
C PHE B 277 15.89 18.09 32.30
N GLN B 278 15.43 18.89 31.34
CA GLN B 278 16.06 20.16 31.02
C GLN B 278 14.99 21.21 30.75
C1 MBG C . -5.98 7.27 -8.45
C1 MBG C . -5.96 6.95 -8.45
C2 MBG C . -5.80 7.47 -6.97
C2 MBG C . -5.84 7.27 -6.98
C3 MBG C . -4.41 7.92 -6.63
C3 MBG C . -4.52 7.91 -6.66
C4 MBG C . -3.34 7.07 -7.23
C4 MBG C . -3.33 7.20 -7.25
C5 MBG C . -3.63 6.83 -8.71
C5 MBG C . -3.58 6.94 -8.74
C6 MBG C . -2.63 5.91 -9.36
C6 MBG C . -2.40 6.24 -9.37
C7 MBG C . -7.65 5.60 -8.29
C7 MBG C . -7.54 6.48 -10.02
O1 MBG C . -7.26 6.87 -8.73
O1 MBG C . -7.11 6.27 -8.69
O2 MBG C . -6.74 8.48 -6.56
O2 MBG C . -6.89 8.20 -6.67
O3 MBG C . -4.25 7.95 -5.19
O3 MBG C . -4.33 8.01 -5.22
O4 MBG C . -3.26 5.81 -6.54
O4 MBG C . -3.10 5.95 -6.58
O5 MBG C . -4.97 6.26 -8.92
O5 MBG C . -4.79 6.14 -8.91
O6 MBG C . -2.94 5.82 -10.75
O6 MBG C . -2.64 6.06 -10.76
C1 EDO D . -18.64 29.60 10.96
O1 EDO D . -18.96 29.26 9.60
C2 EDO D . -18.78 28.37 11.85
O2 EDO D . -17.98 28.52 13.03
C1 EDO E . 14.29 11.16 0.01
O1 EDO E . 14.40 11.66 -1.33
C2 EDO E . 14.67 12.26 0.99
O2 EDO E . 13.70 13.31 0.95
C1 MBG F . 5.96 -8.59 6.78
C1 MBG F . 5.97 -8.54 6.32
C2 MBG F . 5.87 -7.09 7.00
C2 MBG F . 5.89 -7.08 6.72
C3 MBG F . 4.52 -6.74 7.51
C3 MBG F . 4.61 -6.77 7.43
C4 MBG F . 3.36 -7.32 6.75
C4 MBG F . 3.37 -7.33 6.78
C5 MBG F . 3.59 -8.80 6.46
C5 MBG F . 3.57 -8.81 6.46
C6 MBG F . 2.54 -9.38 5.55
C6 MBG F . 2.37 -9.38 5.77
C7 MBG F . 7.60 -8.48 5.06
C7 MBG F . 7.58 -10.09 5.77
O1 MBG F . 7.20 -8.96 6.32
O1 MBG F . 7.08 -8.80 5.54
O2 MBG F . 6.90 -6.68 7.93
O2 MBG F . 7.01 -6.80 7.58
O3 MBG F . 4.35 -5.30 7.52
O3 MBG F . 4.44 -5.34 7.54
O4 MBG F . 3.23 -6.60 5.50
O4 MBG F . 3.11 -6.62 5.56
O5 MBG F . 4.89 -8.98 5.82
O5 MBG F . 4.73 -8.96 5.58
O6 MBG F . 2.70 -10.79 5.56
O6 MBG F . 2.51 -10.78 5.68
C1 EDO G . 11.14 -10.67 9.91
O1 EDO G . 10.22 -11.65 9.41
C2 EDO G . 12.10 -10.24 8.82
O2 EDO G . 12.93 -9.14 9.26
C1 EDO H . 6.43 -12.12 27.30
O1 EDO H . 6.08 -13.50 27.03
C2 EDO H . 6.82 -11.94 28.77
O2 EDO H . 8.14 -12.47 29.04
#